data_2ZSI
#
_entry.id   2ZSI
#
_cell.length_a   81.852
_cell.length_b   81.852
_cell.length_c   129.737
_cell.angle_alpha   90.00
_cell.angle_beta   90.00
_cell.angle_gamma   90.00
#
_symmetry.space_group_name_H-M   'P 43 21 2'
#
loop_
_entity.id
_entity.type
_entity.pdbx_description
1 polymer 'Probable gibberellin receptor GID1L1'
2 polymer 'DELLA protein GAI'
3 non-polymer 'GIBBERELLIN A4'
4 water water
#
loop_
_entity_poly.entity_id
_entity_poly.type
_entity_poly.pdbx_seq_one_letter_code
_entity_poly.pdbx_strand_id
1 'polypeptide(L)'
;GPGYNEPMAASDEVNLIESRTVVPLNTWVLISNFKVAYNILRRPDGTFNRHLAEYLDRKVTANANPVDGVFSFDVLIDRR
INLLSRVYRPAYADQEQPPSILDLEKPVDGDIVPVILFFHGGSFAHSSANSAIYDTLCRRLVGLCKCVVVSVNYRRAPEN
PYPCAYDDGWIALNWVNSRSWLKSKKDSKVHIFLAGDSSGGNIAHNVALRAGESGIDVLGNILLNPMFGGNERTESEKSL
DGKYFVTVRDRDWYWKAFLPEGEDREHPACNPFSPRGKSLEGVSFPKSLVVVAGLDLIRDWQLAYAEGLKKAGQEVKLMH
LEKATVGFYLLPNNNHFHNVMDEISAFVNAE
;
A
2 'polypeptide(L)'
;GPGYNEPQDKKTMMMNEEDDGNGMDELLAVLGYKVRSSEMADVAQKLEQLEVMMSNVQEDDLSQLATETVHYNPAELYTW
LDSMLTDLNPPSSNAEYDLKAIPGDAILNQ
;
B
#
loop_
_chem_comp.id
_chem_comp.type
_chem_comp.name
_chem_comp.formula
GA4 non-polymer 'GIBBERELLIN A4' 'C19 H24 O5'
#
# COMPACT_ATOMS: atom_id res chain seq x y z
N GLU A 13 -23.02 10.41 18.48
CA GLU A 13 -23.13 9.79 17.12
C GLU A 13 -22.07 8.70 16.91
N VAL A 14 -20.82 9.01 17.26
CA VAL A 14 -19.73 8.06 17.10
C VAL A 14 -19.94 6.75 17.85
N ASN A 15 -19.91 5.65 17.11
CA ASN A 15 -20.07 4.31 17.67
C ASN A 15 -19.34 3.37 16.72
N LEU A 16 -18.22 2.83 17.19
CA LEU A 16 -17.39 1.96 16.38
C LEU A 16 -17.54 0.49 16.70
N ILE A 17 -18.57 0.15 17.48
CA ILE A 17 -18.80 -1.24 17.82
C ILE A 17 -18.94 -2.08 16.55
N GLU A 18 -19.63 -1.55 15.55
CA GLU A 18 -19.85 -2.28 14.31
C GLU A 18 -18.58 -2.75 13.61
N SER A 19 -17.59 -1.87 13.47
CA SER A 19 -16.35 -2.26 12.81
C SER A 19 -15.52 -3.26 13.62
N ARG A 20 -15.71 -3.29 14.94
CA ARG A 20 -14.95 -4.23 15.77
C ARG A 20 -15.44 -5.65 15.59
N THR A 21 -16.66 -5.81 15.10
CA THR A 21 -17.22 -7.14 14.90
C THR A 21 -16.64 -7.92 13.73
N VAL A 22 -16.01 -7.22 12.78
CA VAL A 22 -15.47 -7.88 11.59
C VAL A 22 -13.96 -8.08 11.53
N VAL A 23 -13.21 -7.55 12.48
CA VAL A 23 -11.76 -7.72 12.45
C VAL A 23 -11.19 -8.01 13.82
N PRO A 24 -10.01 -8.66 13.86
CA PRO A 24 -9.35 -8.98 15.13
C PRO A 24 -9.10 -7.65 15.84
N LEU A 25 -9.09 -7.67 17.16
CA LEU A 25 -8.90 -6.44 17.91
C LEU A 25 -7.59 -5.70 17.63
N ASN A 26 -6.48 -6.40 17.47
CA ASN A 26 -5.23 -5.71 17.21
C ASN A 26 -5.23 -5.07 15.82
N THR A 27 -5.91 -5.70 14.87
CA THR A 27 -6.02 -5.13 13.53
C THR A 27 -6.85 -3.86 13.64
N TRP A 28 -7.92 -3.93 14.43
CA TRP A 28 -8.80 -2.80 14.60
C TRP A 28 -8.03 -1.61 15.18
N VAL A 29 -7.16 -1.91 16.13
CA VAL A 29 -6.35 -0.88 16.75
C VAL A 29 -5.38 -0.24 15.76
N LEU A 30 -4.72 -1.06 14.94
CA LEU A 30 -3.77 -0.56 13.95
C LEU A 30 -4.45 0.37 12.94
N ILE A 31 -5.52 -0.11 12.32
CA ILE A 31 -6.20 0.72 11.32
C ILE A 31 -6.87 1.94 11.93
N SER A 32 -7.47 1.78 13.10
CA SER A 32 -8.13 2.89 13.75
C SER A 32 -7.13 3.95 14.18
N ASN A 33 -5.93 3.52 14.58
CA ASN A 33 -4.90 4.46 14.96
C ASN A 33 -4.51 5.31 13.75
N PHE A 34 -4.35 4.67 12.59
CA PHE A 34 -4.02 5.42 11.39
C PHE A 34 -5.18 6.39 11.09
N LYS A 35 -6.40 5.88 11.19
CA LYS A 35 -7.60 6.68 10.92
C LYS A 35 -7.64 7.98 11.73
N VAL A 36 -7.43 7.90 13.04
CA VAL A 36 -7.46 9.10 13.86
C VAL A 36 -6.28 10.03 13.57
N ALA A 37 -5.10 9.46 13.38
CA ALA A 37 -3.92 10.26 13.09
C ALA A 37 -4.11 11.00 11.77
N TYR A 38 -4.62 10.30 10.76
CA TYR A 38 -4.81 10.91 9.46
C TYR A 38 -5.85 12.02 9.51
N ASN A 39 -6.82 11.91 10.42
CA ASN A 39 -7.84 12.95 10.56
C ASN A 39 -7.14 14.25 10.90
N ILE A 40 -6.08 14.16 11.69
CA ILE A 40 -5.31 15.32 12.12
C ILE A 40 -4.42 15.87 11.00
N LEU A 41 -3.83 14.97 10.22
CA LEU A 41 -2.94 15.36 9.13
C LEU A 41 -3.62 16.08 7.97
N ARG A 42 -4.85 15.66 7.64
CA ARG A 42 -5.61 16.30 6.56
C ARG A 42 -6.24 17.57 7.09
N ARG A 43 -6.03 18.69 6.41
CA ARG A 43 -6.64 19.94 6.84
C ARG A 43 -7.79 20.30 5.90
N PRO A 44 -8.87 20.88 6.44
CA PRO A 44 -10.05 21.26 5.67
C PRO A 44 -9.73 22.09 4.44
N ASP A 45 -8.71 22.94 4.53
CA ASP A 45 -8.32 23.81 3.42
C ASP A 45 -7.51 23.11 2.32
N GLY A 46 -7.31 21.80 2.46
CA GLY A 46 -6.56 21.07 1.46
C GLY A 46 -5.08 20.93 1.72
N THR A 47 -4.58 21.56 2.79
CA THR A 47 -3.17 21.44 3.12
C THR A 47 -2.98 20.18 3.94
N PHE A 48 -1.73 19.75 4.07
CA PHE A 48 -1.39 18.52 4.77
C PHE A 48 -0.26 18.78 5.77
N ASN A 49 -0.37 18.25 6.99
CA ASN A 49 0.66 18.42 8.00
C ASN A 49 1.75 17.37 7.75
N ARG A 50 2.57 17.61 6.73
CA ARG A 50 3.63 16.68 6.35
C ARG A 50 4.65 16.42 7.46
N HIS A 51 5.04 17.47 8.19
CA HIS A 51 6.02 17.31 9.25
C HIS A 51 5.52 16.33 10.32
N LEU A 52 4.29 16.53 10.79
CA LEU A 52 3.73 15.63 11.79
C LEU A 52 3.53 14.25 11.21
N ALA A 53 3.12 14.19 9.94
CA ALA A 53 2.88 12.91 9.29
C ALA A 53 4.14 12.04 9.31
N GLU A 54 5.26 12.62 8.89
CA GLU A 54 6.50 11.87 8.83
C GLU A 54 7.08 11.58 10.21
N TYR A 55 6.64 12.35 11.21
CA TYR A 55 7.09 12.13 12.57
C TYR A 55 6.32 10.94 13.19
N LEU A 56 5.02 10.89 12.93
CA LEU A 56 4.17 9.83 13.47
C LEU A 56 4.39 8.49 12.79
N ASP A 57 4.66 8.51 11.50
CA ASP A 57 4.86 7.25 10.78
C ASP A 57 6.00 6.44 11.40
N ARG A 58 5.80 5.13 11.46
CA ARG A 58 6.82 4.23 12.01
C ARG A 58 7.64 3.73 10.83
N LYS A 59 8.94 4.00 10.87
CA LYS A 59 9.83 3.62 9.78
C LYS A 59 10.96 2.71 10.22
N VAL A 60 11.59 2.06 9.25
CA VAL A 60 12.70 1.15 9.53
C VAL A 60 13.73 1.29 8.41
N THR A 61 15.00 1.11 8.74
CA THR A 61 16.07 1.21 7.76
C THR A 61 16.17 -0.11 7.01
N ALA A 62 17.03 -0.12 5.99
CA ALA A 62 17.27 -1.34 5.22
C ALA A 62 18.23 -2.12 6.11
N ASN A 63 18.53 -3.35 5.73
CA ASN A 63 19.45 -4.18 6.52
C ASN A 63 20.05 -5.26 5.64
N ALA A 64 21.36 -5.19 5.43
CA ALA A 64 22.06 -6.17 4.60
C ALA A 64 22.08 -7.54 5.29
N ASN A 65 21.87 -7.55 6.60
CA ASN A 65 21.86 -8.79 7.37
C ASN A 65 20.54 -9.52 7.15
N PRO A 66 20.60 -10.78 6.72
CA PRO A 66 19.37 -11.53 6.50
C PRO A 66 18.59 -11.74 7.79
N VAL A 67 17.31 -11.40 7.77
CA VAL A 67 16.45 -11.60 8.91
C VAL A 67 15.26 -12.42 8.43
N ASP A 68 15.06 -13.58 9.02
CA ASP A 68 13.97 -14.45 8.62
C ASP A 68 14.09 -14.77 7.13
N GLY A 69 15.33 -14.90 6.65
CA GLY A 69 15.57 -15.24 5.27
C GLY A 69 15.50 -14.12 4.24
N VAL A 70 15.43 -12.87 4.70
CA VAL A 70 15.34 -11.73 3.80
C VAL A 70 16.26 -10.59 4.21
N PHE A 71 16.93 -9.96 3.23
CA PHE A 71 17.77 -8.82 3.52
C PHE A 71 17.36 -7.70 2.55
N SER A 72 17.78 -6.47 2.83
CA SER A 72 17.38 -5.37 1.96
C SER A 72 18.42 -4.28 1.85
N PHE A 73 18.25 -3.44 0.83
CA PHE A 73 19.14 -2.31 0.62
C PHE A 73 18.44 -1.24 -0.19
N ASP A 74 18.77 0.01 0.10
CA ASP A 74 18.16 1.14 -0.60
C ASP A 74 19.01 1.60 -1.78
N VAL A 75 18.34 2.07 -2.82
CA VAL A 75 19.02 2.54 -4.01
C VAL A 75 18.44 3.88 -4.46
N LEU A 76 19.32 4.81 -4.81
CA LEU A 76 18.88 6.11 -5.31
C LEU A 76 18.75 5.93 -6.83
N ILE A 77 17.52 5.92 -7.34
CA ILE A 77 17.33 5.71 -8.77
C ILE A 77 17.25 6.99 -9.59
N ASP A 78 17.04 8.11 -8.93
CA ASP A 78 16.99 9.41 -9.63
C ASP A 78 17.35 10.51 -8.64
N ARG A 79 18.51 11.12 -8.84
CA ARG A 79 18.96 12.18 -7.95
C ARG A 79 18.13 13.46 -8.00
N ARG A 80 17.80 13.92 -9.21
CA ARG A 80 17.05 15.16 -9.35
C ARG A 80 15.87 15.27 -8.39
N ILE A 81 15.18 14.16 -8.16
CA ILE A 81 14.03 14.16 -7.26
C ILE A 81 14.27 13.30 -6.01
N ASN A 82 15.49 12.81 -5.85
CA ASN A 82 15.83 11.97 -4.71
C ASN A 82 14.86 10.80 -4.61
N LEU A 83 14.67 10.10 -5.73
CA LEU A 83 13.77 8.95 -5.76
C LEU A 83 14.51 7.69 -5.30
N LEU A 84 14.03 7.12 -4.21
CA LEU A 84 14.62 5.91 -3.65
C LEU A 84 13.69 4.73 -3.86
N SER A 85 14.26 3.53 -3.80
CA SER A 85 13.51 2.29 -3.90
C SER A 85 14.28 1.33 -3.00
N ARG A 86 13.56 0.48 -2.29
CA ARG A 86 14.21 -0.48 -1.41
C ARG A 86 14.10 -1.85 -2.06
N VAL A 87 15.23 -2.53 -2.16
CA VAL A 87 15.29 -3.86 -2.77
C VAL A 87 15.32 -4.90 -1.66
N TYR A 88 14.48 -5.92 -1.82
CA TYR A 88 14.39 -7.02 -0.85
C TYR A 88 14.74 -8.31 -1.57
N ARG A 89 15.69 -9.06 -1.03
CA ARG A 89 16.11 -10.31 -1.66
C ARG A 89 16.23 -11.44 -0.65
N PRO A 90 16.06 -12.69 -1.11
CA PRO A 90 16.18 -13.80 -0.17
C PRO A 90 17.67 -13.94 0.17
N ALA A 91 17.97 -14.40 1.38
CA ALA A 91 19.37 -14.55 1.80
C ALA A 91 20.15 -15.42 0.82
N TYR A 92 21.40 -15.03 0.56
CA TYR A 92 22.26 -15.77 -0.36
C TYR A 92 22.59 -17.13 0.23
N ALA A 93 22.59 -18.15 -0.62
CA ALA A 93 22.90 -19.50 -0.16
C ALA A 93 24.41 -19.65 0.02
N ASP A 94 24.80 -20.35 1.07
CA ASP A 94 26.21 -20.59 1.35
C ASP A 94 27.06 -19.34 1.60
N GLN A 95 26.44 -18.26 2.10
CA GLN A 95 27.22 -17.06 2.37
C GLN A 95 27.83 -17.18 3.76
N GLU A 96 29.16 -17.09 3.82
CA GLU A 96 29.89 -17.21 5.07
C GLU A 96 29.95 -15.91 5.87
N GLN A 97 29.72 -14.79 5.20
CA GLN A 97 29.74 -13.48 5.84
C GLN A 97 28.58 -12.66 5.29
N PRO A 98 28.07 -11.70 6.08
CA PRO A 98 26.96 -10.88 5.59
C PRO A 98 27.37 -10.08 4.36
N PRO A 99 26.38 -9.65 3.56
CA PRO A 99 26.66 -8.87 2.35
C PRO A 99 27.29 -7.51 2.64
N SER A 100 28.40 -7.21 1.98
CA SER A 100 29.05 -5.91 2.14
C SER A 100 28.35 -5.01 1.11
N ILE A 101 28.65 -3.71 1.11
CA ILE A 101 28.01 -2.83 0.15
C ILE A 101 28.40 -3.16 -1.29
N LEU A 102 29.33 -4.11 -1.45
CA LEU A 102 29.78 -4.52 -2.76
C LEU A 102 29.14 -5.84 -3.19
N ASP A 103 28.38 -6.45 -2.30
CA ASP A 103 27.74 -7.73 -2.58
C ASP A 103 26.21 -7.64 -2.70
N LEU A 104 25.68 -6.43 -2.75
CA LEU A 104 24.23 -6.24 -2.82
C LEU A 104 23.60 -6.55 -4.18
N GLU A 105 24.36 -6.41 -5.25
CA GLU A 105 23.83 -6.65 -6.58
C GLU A 105 24.28 -7.95 -7.23
N LYS A 106 24.49 -8.98 -6.42
CA LYS A 106 24.92 -10.27 -6.94
C LYS A 106 23.81 -10.81 -7.84
N PRO A 107 24.17 -11.25 -9.07
CA PRO A 107 23.22 -11.78 -10.03
C PRO A 107 22.28 -12.84 -9.45
N VAL A 108 21.00 -12.71 -9.72
CA VAL A 108 20.03 -13.68 -9.21
C VAL A 108 20.31 -15.05 -9.82
N ASP A 109 20.17 -16.09 -9.01
CA ASP A 109 20.40 -17.44 -9.46
C ASP A 109 19.09 -18.21 -9.54
N GLY A 110 18.75 -18.67 -10.74
CA GLY A 110 17.52 -19.40 -10.92
C GLY A 110 17.04 -19.28 -12.35
N ASP A 111 16.45 -20.35 -12.88
CA ASP A 111 15.96 -20.34 -14.25
C ASP A 111 14.97 -19.18 -14.39
N ILE A 112 14.04 -19.10 -13.45
CA ILE A 112 13.05 -18.04 -13.46
C ILE A 112 12.99 -17.39 -12.07
N VAL A 113 13.28 -16.09 -12.03
CA VAL A 113 13.27 -15.35 -10.77
C VAL A 113 12.34 -14.16 -10.89
N PRO A 114 11.10 -14.31 -10.40
CA PRO A 114 10.16 -13.19 -10.48
C PRO A 114 10.61 -11.99 -9.65
N VAL A 115 10.33 -10.79 -10.16
CA VAL A 115 10.69 -9.56 -9.47
C VAL A 115 9.41 -8.74 -9.36
N ILE A 116 8.99 -8.48 -8.13
CA ILE A 116 7.78 -7.71 -7.92
C ILE A 116 8.11 -6.23 -7.65
N LEU A 117 7.66 -5.36 -8.55
CA LEU A 117 7.87 -3.92 -8.40
C LEU A 117 6.62 -3.47 -7.66
N PHE A 118 6.80 -3.20 -6.37
CA PHE A 118 5.71 -2.83 -5.46
C PHE A 118 5.55 -1.34 -5.17
N PHE A 119 4.29 -0.90 -5.11
CA PHE A 119 3.93 0.48 -4.80
C PHE A 119 3.03 0.47 -3.58
N HIS A 120 3.49 1.06 -2.48
CA HIS A 120 2.70 1.09 -1.24
C HIS A 120 1.42 1.91 -1.34
N GLY A 121 0.50 1.65 -0.42
CA GLY A 121 -0.77 2.38 -0.37
C GLY A 121 -0.65 3.63 0.47
N GLY A 122 -1.76 4.24 0.82
CA GLY A 122 -1.71 5.46 1.60
C GLY A 122 -2.46 6.59 0.89
N SER A 123 -3.30 6.20 -0.05
CA SER A 123 -4.14 7.15 -0.79
C SER A 123 -3.40 8.30 -1.48
N PHE A 124 -2.18 8.01 -1.93
CA PHE A 124 -1.31 8.98 -2.64
C PHE A 124 -0.63 10.04 -1.77
N ALA A 125 -1.03 10.15 -0.50
CA ALA A 125 -0.46 11.15 0.38
C ALA A 125 0.32 10.61 1.58
N HIS A 126 0.04 9.37 1.96
CA HIS A 126 0.68 8.78 3.13
C HIS A 126 1.67 7.65 2.86
N SER A 127 2.52 7.41 3.86
CA SER A 127 3.50 6.33 3.86
C SER A 127 4.68 6.40 2.90
N SER A 128 5.66 5.52 3.15
CA SER A 128 6.87 5.46 2.36
C SER A 128 7.31 4.01 2.21
N ALA A 129 8.29 3.78 1.36
CA ALA A 129 8.82 2.45 1.17
C ALA A 129 9.42 1.96 2.49
N ASN A 130 9.90 2.90 3.32
CA ASN A 130 10.49 2.49 4.59
C ASN A 130 9.53 2.51 5.78
N SER A 131 8.23 2.64 5.50
CA SER A 131 7.23 2.61 6.57
C SER A 131 7.21 1.16 7.03
N ALA A 132 7.19 0.94 8.34
CA ALA A 132 7.20 -0.43 8.87
C ALA A 132 6.11 -1.33 8.30
N ILE A 133 4.89 -0.81 8.11
CA ILE A 133 3.84 -1.67 7.59
C ILE A 133 4.17 -2.20 6.20
N TYR A 134 4.82 -1.38 5.39
CA TYR A 134 5.16 -1.82 4.04
C TYR A 134 6.48 -2.58 3.94
N ASP A 135 7.43 -2.28 4.81
CA ASP A 135 8.69 -3.01 4.81
C ASP A 135 8.37 -4.45 5.20
N THR A 136 7.46 -4.60 6.16
CA THR A 136 7.05 -5.93 6.62
C THR A 136 6.30 -6.67 5.53
N LEU A 137 5.38 -5.99 4.85
CA LEU A 137 4.63 -6.61 3.77
C LEU A 137 5.57 -7.10 2.67
N CYS A 138 6.56 -6.28 2.31
CA CYS A 138 7.49 -6.66 1.26
C CYS A 138 8.34 -7.87 1.66
N ARG A 139 8.77 -7.89 2.91
CA ARG A 139 9.57 -9.01 3.39
C ARG A 139 8.75 -10.30 3.36
N ARG A 140 7.46 -10.19 3.67
CA ARG A 140 6.60 -11.35 3.65
C ARG A 140 6.41 -11.83 2.22
N LEU A 141 6.29 -10.90 1.27
CA LEU A 141 6.14 -11.26 -0.13
C LEU A 141 7.35 -12.05 -0.62
N VAL A 142 8.54 -11.61 -0.23
CA VAL A 142 9.76 -12.31 -0.65
C VAL A 142 9.74 -13.77 -0.19
N GLY A 143 9.36 -13.98 1.06
CA GLY A 143 9.32 -15.33 1.60
C GLY A 143 8.18 -16.20 1.11
N LEU A 144 7.00 -15.60 0.95
CA LEU A 144 5.83 -16.36 0.51
C LEU A 144 5.75 -16.59 -1.00
N CYS A 145 6.47 -15.78 -1.77
CA CYS A 145 6.46 -15.93 -3.22
C CYS A 145 7.83 -16.39 -3.73
N LYS A 146 8.82 -16.38 -2.84
CA LYS A 146 10.18 -16.76 -3.21
C LYS A 146 10.58 -15.95 -4.43
N CYS A 147 10.66 -14.64 -4.24
CA CYS A 147 11.00 -13.72 -5.31
C CYS A 147 11.74 -12.52 -4.75
N VAL A 148 12.06 -11.60 -5.65
CA VAL A 148 12.74 -10.36 -5.28
C VAL A 148 11.66 -9.29 -5.31
N VAL A 149 11.72 -8.35 -4.36
CA VAL A 149 10.75 -7.26 -4.31
C VAL A 149 11.48 -5.92 -4.33
N VAL A 150 10.98 -4.99 -5.13
CA VAL A 150 11.56 -3.66 -5.23
C VAL A 150 10.41 -2.72 -4.89
N SER A 151 10.52 -2.04 -3.75
CA SER A 151 9.49 -1.12 -3.28
C SER A 151 9.86 0.33 -3.61
N VAL A 152 9.00 1.00 -4.36
CA VAL A 152 9.24 2.38 -4.79
C VAL A 152 8.80 3.43 -3.77
N ASN A 153 9.69 4.36 -3.46
CA ASN A 153 9.35 5.42 -2.52
C ASN A 153 8.87 6.61 -3.35
N TYR A 154 7.74 6.42 -4.02
CA TYR A 154 7.18 7.46 -4.89
C TYR A 154 6.76 8.73 -4.16
N ARG A 155 6.77 9.85 -4.87
CA ARG A 155 6.40 11.14 -4.28
C ARG A 155 4.92 11.20 -3.95
N ARG A 156 4.59 11.84 -2.82
CA ARG A 156 3.23 11.96 -2.31
C ARG A 156 2.54 13.30 -2.53
N ALA A 157 1.21 13.25 -2.62
CA ALA A 157 0.40 14.45 -2.77
C ALA A 157 0.14 14.92 -1.33
N PRO A 158 -0.29 16.18 -1.14
CA PRO A 158 -0.55 17.18 -2.18
C PRO A 158 0.67 17.91 -2.71
N GLU A 159 1.82 17.73 -2.07
CA GLU A 159 3.02 18.43 -2.49
C GLU A 159 3.51 18.04 -3.88
N ASN A 160 3.38 16.75 -4.19
CA ASN A 160 3.81 16.21 -5.49
C ASN A 160 2.64 15.42 -6.02
N PRO A 161 1.61 16.12 -6.54
CA PRO A 161 0.42 15.46 -7.09
C PRO A 161 0.62 14.84 -8.46
N TYR A 162 -0.47 14.40 -9.07
CA TYR A 162 -0.43 13.79 -10.39
C TYR A 162 0.39 14.69 -11.31
N PRO A 163 1.23 14.10 -12.18
CA PRO A 163 1.48 12.67 -12.38
C PRO A 163 2.74 12.15 -11.69
N CYS A 164 3.23 12.88 -10.69
CA CYS A 164 4.46 12.49 -10.00
C CYS A 164 4.54 11.01 -9.64
N ALA A 165 3.53 10.48 -8.97
CA ALA A 165 3.54 9.08 -8.57
C ALA A 165 3.76 8.15 -9.77
N TYR A 166 3.04 8.40 -10.85
CA TYR A 166 3.17 7.56 -12.03
C TYR A 166 4.55 7.70 -12.67
N ASP A 167 5.07 8.92 -12.72
CA ASP A 167 6.38 9.15 -13.31
C ASP A 167 7.46 8.43 -12.51
N ASP A 168 7.33 8.43 -11.19
CA ASP A 168 8.30 7.75 -10.34
C ASP A 168 8.23 6.25 -10.57
N GLY A 169 7.03 5.74 -10.79
CA GLY A 169 6.86 4.32 -11.04
C GLY A 169 7.47 3.93 -12.36
N TRP A 170 7.38 4.82 -13.34
CA TRP A 170 7.92 4.57 -14.67
C TRP A 170 9.45 4.50 -14.57
N ILE A 171 10.03 5.45 -13.86
CA ILE A 171 11.49 5.49 -13.67
C ILE A 171 11.95 4.21 -12.99
N ALA A 172 11.22 3.79 -11.96
CA ALA A 172 11.58 2.58 -11.23
C ALA A 172 11.47 1.33 -12.10
N LEU A 173 10.44 1.30 -12.96
CA LEU A 173 10.25 0.15 -13.85
C LEU A 173 11.43 0.00 -14.81
N ASN A 174 11.87 1.12 -15.37
CA ASN A 174 13.00 1.10 -16.29
C ASN A 174 14.28 0.70 -15.57
N TRP A 175 14.43 1.14 -14.33
CA TRP A 175 15.61 0.82 -13.54
C TRP A 175 15.65 -0.70 -13.34
N VAL A 176 14.53 -1.26 -12.90
CA VAL A 176 14.43 -2.70 -12.66
C VAL A 176 14.68 -3.51 -13.94
N ASN A 177 14.03 -3.11 -15.02
CA ASN A 177 14.16 -3.80 -16.28
C ASN A 177 15.58 -3.75 -16.87
N SER A 178 16.34 -2.75 -16.44
CA SER A 178 17.70 -2.61 -16.95
C SER A 178 18.79 -3.15 -16.03
N ARG A 179 18.39 -3.85 -14.96
CA ARG A 179 19.36 -4.43 -14.04
C ARG A 179 19.80 -5.79 -14.60
N SER A 180 21.05 -5.88 -15.02
CA SER A 180 21.56 -7.13 -15.56
C SER A 180 21.50 -8.24 -14.51
N TRP A 181 21.70 -7.86 -13.25
CA TRP A 181 21.69 -8.83 -12.16
C TRP A 181 20.31 -9.32 -11.72
N LEU A 182 19.26 -8.89 -12.42
CA LEU A 182 17.91 -9.32 -12.10
C LEU A 182 17.34 -10.17 -13.26
N LYS A 183 18.18 -10.44 -14.24
CA LYS A 183 17.77 -11.24 -15.39
C LYS A 183 17.65 -12.71 -15.05
N SER A 184 16.57 -13.34 -15.51
CA SER A 184 16.36 -14.76 -15.27
C SER A 184 17.16 -15.51 -16.33
N LYS A 185 17.77 -16.63 -15.94
CA LYS A 185 18.58 -17.43 -16.85
C LYS A 185 17.81 -17.99 -18.05
N LYS A 186 16.57 -18.40 -17.81
CA LYS A 186 15.72 -18.97 -18.85
C LYS A 186 15.74 -18.19 -20.15
N ASP A 187 15.25 -16.95 -20.10
CA ASP A 187 15.19 -16.11 -21.29
C ASP A 187 16.03 -14.83 -21.25
N SER A 188 16.93 -14.73 -20.27
CA SER A 188 17.79 -13.55 -20.15
C SER A 188 16.99 -12.25 -20.05
N LYS A 189 15.81 -12.34 -19.43
CA LYS A 189 14.96 -11.17 -19.28
C LYS A 189 14.54 -11.04 -17.83
N VAL A 190 14.25 -9.82 -17.40
CA VAL A 190 13.81 -9.61 -16.03
C VAL A 190 12.31 -9.87 -16.04
N HIS A 191 11.86 -10.82 -15.22
CA HIS A 191 10.44 -11.14 -15.14
C HIS A 191 9.79 -10.20 -14.14
N ILE A 192 9.12 -9.18 -14.67
CA ILE A 192 8.49 -8.16 -13.85
C ILE A 192 7.00 -8.30 -13.61
N PHE A 193 6.62 -8.13 -12.35
CA PHE A 193 5.23 -8.17 -11.94
C PHE A 193 5.01 -6.87 -11.18
N LEU A 194 3.96 -6.14 -11.50
CA LEU A 194 3.67 -4.90 -10.80
C LEU A 194 2.69 -5.23 -9.69
N ALA A 195 2.86 -4.61 -8.53
CA ALA A 195 1.95 -4.86 -7.42
C ALA A 195 1.76 -3.62 -6.56
N GLY A 196 0.62 -3.54 -5.89
CA GLY A 196 0.37 -2.38 -5.05
C GLY A 196 -0.99 -2.45 -4.38
N ASP A 197 -1.08 -1.85 -3.20
CA ASP A 197 -2.35 -1.83 -2.47
C ASP A 197 -2.82 -0.38 -2.45
N SER A 198 -4.13 -0.17 -2.32
CA SER A 198 -4.64 1.19 -2.26
C SER A 198 -4.13 2.00 -3.46
N SER A 199 -3.59 3.20 -3.23
CA SER A 199 -3.10 4.03 -4.32
C SER A 199 -2.01 3.32 -5.11
N GLY A 200 -1.30 2.41 -4.44
CA GLY A 200 -0.24 1.66 -5.11
C GLY A 200 -0.79 0.78 -6.22
N GLY A 201 -2.02 0.29 -6.04
CA GLY A 201 -2.63 -0.55 -7.06
C GLY A 201 -2.96 0.28 -8.27
N ASN A 202 -3.41 1.51 -8.02
CA ASN A 202 -3.75 2.45 -9.07
C ASN A 202 -2.48 2.76 -9.86
N ILE A 203 -1.38 3.01 -9.15
CA ILE A 203 -0.10 3.29 -9.80
C ILE A 203 0.33 2.13 -10.70
N ALA A 204 0.16 0.90 -10.19
CA ALA A 204 0.53 -0.29 -10.97
C ALA A 204 -0.25 -0.35 -12.28
N HIS A 205 -1.55 -0.07 -12.22
CA HIS A 205 -2.35 -0.09 -13.43
C HIS A 205 -1.81 0.88 -14.48
N ASN A 206 -1.56 2.11 -14.04
CA ASN A 206 -1.05 3.15 -14.93
C ASN A 206 0.37 2.95 -15.42
N VAL A 207 1.22 2.34 -14.60
CA VAL A 207 2.59 2.08 -15.02
C VAL A 207 2.54 0.97 -16.07
N ALA A 208 1.61 0.04 -15.89
CA ALA A 208 1.45 -1.06 -16.85
C ALA A 208 1.03 -0.51 -18.21
N LEU A 209 0.11 0.45 -18.21
CA LEU A 209 -0.34 1.06 -19.46
C LEU A 209 0.84 1.66 -20.20
N ARG A 210 1.69 2.37 -19.47
CA ARG A 210 2.84 3.01 -20.06
C ARG A 210 3.87 1.99 -20.56
N ALA A 211 4.03 0.90 -19.81
CA ALA A 211 4.98 -0.14 -20.19
C ALA A 211 4.58 -0.78 -21.51
N GLY A 212 3.30 -1.12 -21.64
CA GLY A 212 2.82 -1.74 -22.86
C GLY A 212 3.00 -0.86 -24.08
N GLU A 213 3.05 0.44 -23.86
CA GLU A 213 3.21 1.40 -24.96
C GLU A 213 4.68 1.72 -25.24
N SER A 214 5.58 1.11 -24.48
CA SER A 214 7.01 1.36 -24.66
C SER A 214 7.83 0.10 -24.94
N GLY A 215 7.16 -1.04 -25.00
CA GLY A 215 7.87 -2.28 -25.29
C GLY A 215 8.28 -3.11 -24.08
N ILE A 216 8.21 -2.53 -22.89
CA ILE A 216 8.56 -3.27 -21.68
C ILE A 216 7.42 -4.22 -21.35
N ASP A 217 7.73 -5.51 -21.32
CA ASP A 217 6.71 -6.52 -21.04
C ASP A 217 6.55 -6.86 -19.56
N VAL A 218 5.40 -6.51 -19.01
CA VAL A 218 5.09 -6.80 -17.61
C VAL A 218 4.31 -8.11 -17.65
N LEU A 219 4.72 -9.08 -16.84
CA LEU A 219 4.09 -10.39 -16.82
C LEU A 219 2.79 -10.50 -16.04
N GLY A 220 2.52 -9.54 -15.17
CA GLY A 220 1.30 -9.60 -14.39
C GLY A 220 1.18 -8.46 -13.39
N ASN A 221 -0.05 -8.09 -13.07
CA ASN A 221 -0.33 -7.03 -12.10
C ASN A 221 -1.08 -7.60 -10.93
N ILE A 222 -0.72 -7.17 -9.72
CA ILE A 222 -1.38 -7.60 -8.50
C ILE A 222 -1.91 -6.35 -7.82
N LEU A 223 -3.23 -6.20 -7.79
CA LEU A 223 -3.86 -5.04 -7.17
C LEU A 223 -4.63 -5.44 -5.91
N LEU A 224 -4.22 -4.89 -4.76
CA LEU A 224 -4.88 -5.19 -3.50
C LEU A 224 -5.70 -3.98 -3.07
N ASN A 225 -7.03 -4.16 -2.99
CA ASN A 225 -7.94 -3.07 -2.62
C ASN A 225 -7.48 -1.81 -3.36
N PRO A 226 -7.37 -1.88 -4.70
CA PRO A 226 -6.93 -0.72 -5.48
C PRO A 226 -7.79 0.52 -5.36
N MET A 227 -7.12 1.68 -5.32
CA MET A 227 -7.81 2.95 -5.17
C MET A 227 -8.25 3.56 -6.50
N PHE A 228 -9.54 3.45 -6.79
CA PHE A 228 -10.13 4.00 -8.00
C PHE A 228 -11.42 4.71 -7.57
N GLY A 229 -11.94 5.58 -8.43
CA GLY A 229 -13.16 6.30 -8.10
C GLY A 229 -13.85 6.84 -9.33
N GLY A 230 -14.69 7.86 -9.12
CA GLY A 230 -15.40 8.46 -10.21
C GLY A 230 -16.32 9.54 -9.67
N ASN A 231 -16.97 10.31 -10.54
CA ASN A 231 -17.86 11.36 -10.06
C ASN A 231 -19.06 10.80 -9.30
N GLU A 232 -19.60 9.69 -9.79
CA GLU A 232 -20.76 9.08 -9.17
C GLU A 232 -20.51 8.49 -7.79
N ARG A 233 -21.54 8.49 -6.96
CA ARG A 233 -21.48 7.94 -5.62
C ARG A 233 -22.10 6.54 -5.73
N THR A 234 -21.27 5.52 -5.66
CA THR A 234 -21.72 4.15 -5.77
C THR A 234 -22.54 3.75 -4.54
N GLU A 235 -23.25 2.64 -4.66
CA GLU A 235 -24.07 2.14 -3.56
C GLU A 235 -23.22 1.75 -2.35
N SER A 236 -22.07 1.12 -2.60
CA SER A 236 -21.20 0.71 -1.50
C SER A 236 -20.67 1.94 -0.76
N GLU A 237 -20.42 3.02 -1.48
CA GLU A 237 -19.94 4.25 -0.84
C GLU A 237 -21.00 4.83 0.07
N LYS A 238 -22.24 4.85 -0.41
CA LYS A 238 -23.34 5.39 0.37
C LYS A 238 -23.68 4.52 1.57
N SER A 239 -23.67 3.20 1.38
CA SER A 239 -24.01 2.28 2.45
C SER A 239 -22.91 2.03 3.48
N LEU A 240 -21.66 2.05 3.06
CA LEU A 240 -20.55 1.77 3.99
C LEU A 240 -19.83 3.00 4.55
N ASP A 241 -20.22 4.19 4.09
CA ASP A 241 -19.57 5.42 4.54
C ASP A 241 -19.35 5.48 6.05
N GLY A 242 -18.07 5.58 6.44
CA GLY A 242 -17.70 5.68 7.84
C GLY A 242 -17.88 4.46 8.73
N LYS A 243 -18.38 3.36 8.16
CA LYS A 243 -18.61 2.17 8.97
C LYS A 243 -17.37 1.31 9.19
N TYR A 244 -16.48 1.30 8.21
CA TYR A 244 -15.28 0.48 8.33
C TYR A 244 -13.98 1.22 8.04
N PHE A 245 -13.69 2.20 8.91
CA PHE A 245 -12.47 3.01 8.88
C PHE A 245 -12.35 4.12 7.84
N VAL A 246 -13.12 4.04 6.76
CA VAL A 246 -13.01 5.03 5.69
C VAL A 246 -14.29 5.82 5.43
N THR A 247 -14.14 7.09 5.09
CA THR A 247 -15.28 7.95 4.80
C THR A 247 -15.20 8.51 3.38
N VAL A 248 -16.36 8.81 2.80
CA VAL A 248 -16.37 9.38 1.47
C VAL A 248 -15.70 10.74 1.55
N ARG A 249 -15.90 11.43 2.66
CA ARG A 249 -15.28 12.74 2.85
C ARG A 249 -13.77 12.66 2.71
N ASP A 250 -13.12 11.68 3.33
CA ASP A 250 -11.67 11.62 3.19
C ASP A 250 -11.27 11.12 1.80
N ARG A 251 -12.09 10.27 1.18
CA ARG A 251 -11.79 9.81 -0.17
C ARG A 251 -11.77 11.04 -1.09
N ASP A 252 -12.77 11.91 -0.95
CA ASP A 252 -12.85 13.12 -1.76
C ASP A 252 -11.61 13.99 -1.55
N TRP A 253 -11.16 14.05 -0.30
CA TRP A 253 -10.00 14.86 0.05
C TRP A 253 -8.74 14.38 -0.65
N TYR A 254 -8.49 13.08 -0.62
CA TYR A 254 -7.30 12.53 -1.27
C TYR A 254 -7.34 12.69 -2.79
N TRP A 255 -8.51 12.51 -3.38
CA TRP A 255 -8.61 12.67 -4.83
C TRP A 255 -8.33 14.13 -5.22
N LYS A 256 -8.88 15.06 -4.45
CA LYS A 256 -8.66 16.48 -4.72
C LYS A 256 -7.19 16.84 -4.55
N ALA A 257 -6.51 16.20 -3.60
CA ALA A 257 -5.10 16.50 -3.37
C ALA A 257 -4.19 15.94 -4.46
N PHE A 258 -4.59 14.81 -5.03
CA PHE A 258 -3.80 14.15 -6.07
C PHE A 258 -4.08 14.62 -7.50
N LEU A 259 -5.35 14.82 -7.82
CA LEU A 259 -5.70 15.24 -9.17
C LEU A 259 -5.36 16.70 -9.48
N PRO A 260 -5.17 17.02 -10.78
CA PRO A 260 -4.84 18.38 -11.19
C PRO A 260 -5.90 19.37 -10.72
N GLU A 261 -5.48 20.62 -10.53
CA GLU A 261 -6.41 21.65 -10.09
C GLU A 261 -7.50 21.82 -11.15
N GLY A 262 -8.76 21.82 -10.70
CA GLY A 262 -9.86 21.98 -11.62
C GLY A 262 -10.42 20.70 -12.21
N GLU A 263 -9.75 19.58 -11.96
CA GLU A 263 -10.23 18.30 -12.49
C GLU A 263 -11.27 17.67 -11.58
N ASP A 264 -11.98 16.68 -12.10
CA ASP A 264 -12.95 15.95 -11.29
C ASP A 264 -12.57 14.49 -11.31
N ARG A 265 -13.34 13.64 -10.65
CA ARG A 265 -13.02 12.23 -10.56
C ARG A 265 -13.21 11.36 -11.79
N GLU A 266 -13.52 11.98 -12.93
CA GLU A 266 -13.67 11.22 -14.15
C GLU A 266 -12.36 11.31 -14.93
N HIS A 267 -11.37 11.95 -14.33
CA HIS A 267 -10.04 12.05 -14.94
C HIS A 267 -9.56 10.60 -14.91
N PRO A 268 -8.92 10.15 -16.00
CA PRO A 268 -8.41 8.77 -16.10
C PRO A 268 -7.55 8.29 -14.94
N ALA A 269 -6.89 9.21 -14.24
CA ALA A 269 -6.04 8.84 -13.11
C ALA A 269 -6.88 8.35 -11.94
N CYS A 270 -8.12 8.81 -11.90
CA CYS A 270 -9.05 8.41 -10.85
C CYS A 270 -9.90 7.24 -11.33
N ASN A 271 -10.47 7.39 -12.52
CA ASN A 271 -11.34 6.36 -13.10
C ASN A 271 -10.74 5.82 -14.39
N PRO A 272 -10.00 4.70 -14.31
CA PRO A 272 -9.37 4.09 -15.49
C PRO A 272 -10.34 3.68 -16.59
N PHE A 273 -11.63 3.62 -16.26
CA PHE A 273 -12.63 3.25 -17.25
C PHE A 273 -13.60 4.40 -17.50
N SER A 274 -13.09 5.61 -17.31
CA SER A 274 -13.86 6.81 -17.54
C SER A 274 -13.95 6.98 -19.06
N PRO A 275 -14.97 7.69 -19.55
CA PRO A 275 -15.09 7.89 -21.00
C PRO A 275 -13.82 8.54 -21.56
N ARG A 276 -13.08 9.20 -20.68
CA ARG A 276 -11.85 9.88 -21.07
C ARG A 276 -10.64 8.94 -21.18
N GLY A 277 -10.75 7.76 -20.58
CA GLY A 277 -9.65 6.82 -20.64
C GLY A 277 -9.57 6.08 -21.97
N LYS A 278 -8.36 5.72 -22.38
CA LYS A 278 -8.20 5.01 -23.64
C LYS A 278 -8.68 3.58 -23.47
N SER A 279 -9.32 3.04 -24.50
CA SER A 279 -9.82 1.68 -24.47
C SER A 279 -8.70 0.66 -24.31
N LEU A 280 -9.00 -0.44 -23.62
CA LEU A 280 -8.03 -1.51 -23.42
C LEU A 280 -8.33 -2.67 -24.36
N GLU A 281 -9.38 -2.52 -25.15
CA GLU A 281 -9.78 -3.55 -26.11
C GLU A 281 -8.67 -3.70 -27.15
N GLY A 282 -8.18 -4.93 -27.29
CA GLY A 282 -7.12 -5.20 -28.26
C GLY A 282 -5.78 -4.59 -27.88
N VAL A 283 -5.60 -4.34 -26.58
CA VAL A 283 -4.36 -3.76 -26.09
C VAL A 283 -3.52 -4.81 -25.35
N SER A 284 -2.20 -4.71 -25.51
CA SER A 284 -1.30 -5.64 -24.84
C SER A 284 -1.19 -5.22 -23.37
N PHE A 285 -1.95 -5.91 -22.52
CA PHE A 285 -1.98 -5.63 -21.08
C PHE A 285 -1.71 -6.92 -20.32
N PRO A 286 -0.95 -6.85 -19.22
CA PRO A 286 -0.66 -8.07 -18.46
C PRO A 286 -1.86 -8.66 -17.74
N LYS A 287 -1.79 -9.94 -17.41
CA LYS A 287 -2.85 -10.62 -16.68
C LYS A 287 -2.93 -9.93 -15.33
N SER A 288 -4.11 -9.92 -14.72
CA SER A 288 -4.28 -9.25 -13.43
C SER A 288 -4.91 -10.12 -12.35
N LEU A 289 -4.50 -9.85 -11.10
CA LEU A 289 -5.05 -10.50 -9.93
C LEU A 289 -5.61 -9.32 -9.16
N VAL A 290 -6.93 -9.21 -9.09
CA VAL A 290 -7.56 -8.09 -8.40
C VAL A 290 -8.24 -8.56 -7.12
N VAL A 291 -7.80 -8.02 -6.00
CA VAL A 291 -8.36 -8.38 -4.71
C VAL A 291 -9.24 -7.26 -4.21
N VAL A 292 -10.48 -7.59 -3.89
CA VAL A 292 -11.45 -6.61 -3.41
C VAL A 292 -12.00 -6.97 -2.05
N ALA A 293 -11.84 -6.06 -1.09
CA ALA A 293 -12.34 -6.30 0.25
C ALA A 293 -13.82 -5.92 0.22
N GLY A 294 -14.67 -6.84 0.64
CA GLY A 294 -16.11 -6.59 0.63
C GLY A 294 -16.57 -5.43 1.48
N LEU A 295 -15.83 -5.11 2.54
CA LEU A 295 -16.21 -4.01 3.40
C LEU A 295 -15.40 -2.74 3.15
N ASP A 296 -14.84 -2.64 1.95
CA ASP A 296 -14.09 -1.45 1.54
C ASP A 296 -15.18 -0.60 0.90
N LEU A 297 -15.37 0.62 1.36
CA LEU A 297 -16.44 1.45 0.81
C LEU A 297 -16.39 1.68 -0.71
N ILE A 298 -15.21 1.57 -1.32
CA ILE A 298 -15.14 1.76 -2.77
C ILE A 298 -15.17 0.43 -3.51
N ARG A 299 -15.68 -0.59 -2.84
CA ARG A 299 -15.83 -1.94 -3.38
C ARG A 299 -16.44 -1.93 -4.79
N ASP A 300 -17.51 -1.17 -4.98
CA ASP A 300 -18.16 -1.13 -6.29
C ASP A 300 -17.26 -0.61 -7.42
N TRP A 301 -16.36 0.32 -7.11
CA TRP A 301 -15.44 0.84 -8.12
C TRP A 301 -14.42 -0.24 -8.47
N GLN A 302 -13.99 -0.97 -7.46
CA GLN A 302 -13.01 -2.02 -7.64
C GLN A 302 -13.60 -3.18 -8.44
N LEU A 303 -14.84 -3.54 -8.13
CA LEU A 303 -15.49 -4.61 -8.86
C LEU A 303 -15.68 -4.16 -10.31
N ALA A 304 -16.00 -2.89 -10.48
CA ALA A 304 -16.21 -2.32 -11.82
C ALA A 304 -14.89 -2.34 -12.60
N TYR A 305 -13.78 -2.23 -11.90
CA TYR A 305 -12.47 -2.23 -12.54
C TYR A 305 -12.17 -3.63 -13.09
N ALA A 306 -12.41 -4.64 -12.26
CA ALA A 306 -12.17 -6.02 -12.66
C ALA A 306 -13.07 -6.38 -13.84
N GLU A 307 -14.32 -5.91 -13.80
CA GLU A 307 -15.26 -6.18 -14.88
C GLU A 307 -14.83 -5.44 -16.15
N GLY A 308 -14.27 -4.25 -15.96
CA GLY A 308 -13.80 -3.45 -17.09
C GLY A 308 -12.70 -4.17 -17.85
N LEU A 309 -11.78 -4.79 -17.11
CA LEU A 309 -10.69 -5.52 -17.73
C LEU A 309 -11.25 -6.72 -18.49
N LYS A 310 -12.10 -7.49 -17.82
CA LYS A 310 -12.71 -8.67 -18.42
C LYS A 310 -13.44 -8.30 -19.71
N LYS A 311 -14.19 -7.21 -19.66
CA LYS A 311 -14.95 -6.75 -20.82
C LYS A 311 -14.03 -6.33 -21.96
N ALA A 312 -12.82 -5.89 -21.62
CA ALA A 312 -11.84 -5.47 -22.61
C ALA A 312 -11.05 -6.67 -23.13
N GLY A 313 -11.47 -7.86 -22.71
CA GLY A 313 -10.80 -9.06 -23.15
C GLY A 313 -9.46 -9.33 -22.46
N GLN A 314 -9.24 -8.70 -21.31
CA GLN A 314 -7.99 -8.90 -20.58
C GLN A 314 -8.13 -10.07 -19.61
N GLU A 315 -7.01 -10.71 -19.29
CA GLU A 315 -7.01 -11.83 -18.36
C GLU A 315 -7.09 -11.25 -16.95
N VAL A 316 -8.13 -11.64 -16.22
CA VAL A 316 -8.31 -11.13 -14.87
C VAL A 316 -8.90 -12.14 -13.89
N LYS A 317 -8.25 -12.27 -12.74
CA LYS A 317 -8.71 -13.16 -11.69
C LYS A 317 -9.20 -12.27 -10.56
N LEU A 318 -10.48 -12.37 -10.23
CA LEU A 318 -11.06 -11.56 -9.17
C LEU A 318 -11.22 -12.32 -7.86
N MET A 319 -10.75 -11.71 -6.77
CA MET A 319 -10.89 -12.29 -5.44
C MET A 319 -11.72 -11.32 -4.64
N HIS A 320 -13.01 -11.62 -4.48
CA HIS A 320 -13.91 -10.75 -3.73
C HIS A 320 -14.07 -11.37 -2.34
N LEU A 321 -13.38 -10.77 -1.37
CA LEU A 321 -13.39 -11.24 0.01
C LEU A 321 -14.52 -10.54 0.77
N GLU A 322 -15.67 -11.19 0.80
CA GLU A 322 -16.88 -10.67 1.44
C GLU A 322 -16.77 -9.88 2.74
N LYS A 323 -16.12 -10.45 3.75
CA LYS A 323 -16.02 -9.75 5.03
C LYS A 323 -14.69 -9.10 5.35
N ALA A 324 -13.85 -8.93 4.33
CA ALA A 324 -12.55 -8.28 4.54
C ALA A 324 -12.72 -6.76 4.52
N THR A 325 -11.84 -6.06 5.24
CA THR A 325 -11.86 -4.60 5.30
C THR A 325 -10.55 -4.10 4.70
N VAL A 326 -10.38 -2.79 4.65
CA VAL A 326 -9.13 -2.25 4.15
C VAL A 326 -8.06 -2.72 5.16
N GLY A 327 -6.82 -2.83 4.70
CA GLY A 327 -5.73 -3.23 5.57
C GLY A 327 -5.70 -4.66 6.10
N PHE A 328 -6.49 -5.57 5.53
CA PHE A 328 -6.50 -6.95 6.01
C PHE A 328 -5.16 -7.66 5.82
N TYR A 329 -4.35 -7.18 4.89
CA TYR A 329 -3.05 -7.80 4.59
C TYR A 329 -1.86 -7.28 5.40
N LEU A 330 -2.11 -6.45 6.41
CA LEU A 330 -1.02 -5.91 7.22
C LEU A 330 -0.63 -6.82 8.39
N LEU A 331 -1.55 -7.71 8.78
CA LEU A 331 -1.30 -8.65 9.88
C LEU A 331 -1.69 -10.05 9.42
N PRO A 332 -0.81 -11.05 9.65
CA PRO A 332 -1.03 -12.44 9.27
C PRO A 332 -1.89 -13.16 10.31
N ASN A 333 -3.06 -12.59 10.61
CA ASN A 333 -3.95 -13.14 11.62
C ASN A 333 -5.37 -13.38 11.11
N ASN A 334 -5.54 -13.54 9.81
CA ASN A 334 -6.87 -13.76 9.27
C ASN A 334 -6.78 -14.53 7.96
N ASN A 335 -7.87 -15.19 7.58
CA ASN A 335 -7.87 -16.00 6.37
C ASN A 335 -7.80 -15.22 5.07
N HIS A 336 -8.18 -13.94 5.09
CA HIS A 336 -8.10 -13.14 3.88
C HIS A 336 -6.62 -13.01 3.54
N PHE A 337 -5.80 -12.72 4.55
CA PHE A 337 -4.36 -12.61 4.36
C PHE A 337 -3.79 -13.90 3.79
N HIS A 338 -4.06 -15.01 4.47
CA HIS A 338 -3.53 -16.30 4.04
C HIS A 338 -3.99 -16.68 2.63
N ASN A 339 -5.29 -16.55 2.36
CA ASN A 339 -5.83 -16.88 1.05
C ASN A 339 -5.22 -16.03 -0.05
N VAL A 340 -5.08 -14.73 0.21
CA VAL A 340 -4.51 -13.81 -0.78
C VAL A 340 -3.04 -14.09 -1.04
N MET A 341 -2.26 -14.30 0.02
CA MET A 341 -0.84 -14.59 -0.15
C MET A 341 -0.67 -15.87 -0.96
N ASP A 342 -1.54 -16.84 -0.74
CA ASP A 342 -1.46 -18.08 -1.51
C ASP A 342 -1.67 -17.81 -2.99
N GLU A 343 -2.68 -16.99 -3.31
CA GLU A 343 -2.97 -16.67 -4.71
C GLU A 343 -1.88 -15.80 -5.34
N ILE A 344 -1.28 -14.92 -4.56
CA ILE A 344 -0.23 -14.07 -5.13
C ILE A 344 0.94 -14.95 -5.55
N SER A 345 1.33 -15.88 -4.68
CA SER A 345 2.44 -16.77 -5.02
C SER A 345 2.11 -17.59 -6.26
N ALA A 346 0.91 -18.16 -6.31
CA ALA A 346 0.50 -18.96 -7.47
C ALA A 346 0.52 -18.11 -8.74
N PHE A 347 0.09 -16.86 -8.61
CA PHE A 347 0.03 -15.93 -9.73
C PHE A 347 1.39 -15.59 -10.32
N VAL A 348 2.34 -15.22 -9.45
CA VAL A 348 3.66 -14.85 -9.94
C VAL A 348 4.50 -16.05 -10.37
N ASN A 349 4.21 -17.22 -9.83
CA ASN A 349 4.98 -18.41 -10.17
C ASN A 349 4.32 -19.32 -11.19
N ALA A 350 3.14 -18.92 -11.68
CA ALA A 350 2.42 -19.72 -12.67
C ALA A 350 3.13 -19.70 -14.02
N GLU A 351 2.93 -20.75 -14.81
CA GLU A 351 3.53 -20.84 -16.13
C GLU A 351 2.82 -19.90 -17.10
N GLY B 23 3.66 -8.80 28.32
CA GLY B 23 3.44 -9.46 27.00
C GLY B 23 2.99 -8.49 25.92
N MET B 24 3.89 -8.15 25.01
CA MET B 24 3.60 -7.23 23.92
C MET B 24 3.07 -7.97 22.70
N ASP B 25 2.21 -7.31 21.93
CA ASP B 25 1.66 -7.92 20.73
C ASP B 25 2.75 -7.87 19.67
N GLU B 26 3.29 -9.04 19.31
CA GLU B 26 4.36 -9.08 18.33
C GLU B 26 3.95 -8.74 16.91
N LEU B 27 2.66 -8.90 16.58
CA LEU B 27 2.23 -8.57 15.23
C LEU B 27 2.16 -7.05 15.03
N LEU B 28 1.99 -6.33 16.13
CA LEU B 28 1.96 -4.87 16.05
C LEU B 28 3.38 -4.33 16.22
N ALA B 29 4.17 -5.02 17.04
CA ALA B 29 5.55 -4.61 17.29
C ALA B 29 6.36 -4.56 16.00
N VAL B 30 6.15 -5.55 15.12
CA VAL B 30 6.89 -5.57 13.86
C VAL B 30 6.45 -4.40 12.98
N LEU B 31 5.31 -3.81 13.29
CA LEU B 31 4.79 -2.68 12.52
C LEU B 31 5.18 -1.34 13.17
N GLY B 32 5.98 -1.41 14.24
CA GLY B 32 6.44 -0.21 14.91
C GLY B 32 5.65 0.24 16.13
N TYR B 33 4.65 -0.53 16.53
CA TYR B 33 3.82 -0.15 17.67
C TYR B 33 3.98 -1.06 18.87
N LYS B 34 4.05 -0.44 20.04
CA LYS B 34 4.22 -1.16 21.30
C LYS B 34 2.92 -1.18 22.09
N VAL B 35 2.25 -2.32 22.07
CA VAL B 35 0.99 -2.48 22.80
C VAL B 35 0.97 -3.83 23.52
N ARG B 36 0.70 -3.80 24.83
CA ARG B 36 0.62 -5.04 25.59
C ARG B 36 -0.67 -5.76 25.20
N SER B 37 -0.56 -7.04 24.88
CA SER B 37 -1.73 -7.81 24.47
C SER B 37 -2.88 -7.66 25.47
N SER B 38 -2.56 -7.66 26.75
CA SER B 38 -3.56 -7.54 27.81
C SER B 38 -4.23 -6.17 27.85
N GLU B 39 -3.65 -5.19 27.16
CA GLU B 39 -4.21 -3.84 27.14
C GLU B 39 -4.81 -3.45 25.79
N MET B 40 -4.93 -4.42 24.88
CA MET B 40 -5.46 -4.15 23.55
C MET B 40 -6.86 -3.54 23.60
N ALA B 41 -7.73 -4.07 24.46
CA ALA B 41 -9.09 -3.55 24.57
C ALA B 41 -9.09 -2.12 25.11
N ASP B 42 -8.19 -1.84 26.04
CA ASP B 42 -8.11 -0.49 26.61
C ASP B 42 -7.67 0.50 25.54
N VAL B 43 -6.71 0.09 24.71
CA VAL B 43 -6.24 0.95 23.63
C VAL B 43 -7.40 1.17 22.65
N ALA B 44 -8.14 0.11 22.35
CA ALA B 44 -9.27 0.20 21.43
C ALA B 44 -10.29 1.20 21.97
N GLN B 45 -10.50 1.18 23.29
CA GLN B 45 -11.45 2.09 23.91
C GLN B 45 -10.99 3.54 23.76
N LYS B 46 -9.70 3.76 23.97
CA LYS B 46 -9.13 5.10 23.87
C LYS B 46 -9.23 5.66 22.45
N LEU B 47 -9.06 4.79 21.46
CA LEU B 47 -9.16 5.22 20.07
C LEU B 47 -10.56 5.74 19.80
N GLU B 48 -11.57 5.03 20.30
CA GLU B 48 -12.94 5.45 20.09
C GLU B 48 -13.25 6.74 20.84
N GLN B 49 -12.75 6.84 22.07
CA GLN B 49 -12.97 8.03 22.87
C GLN B 49 -12.37 9.23 22.15
N LEU B 50 -11.25 9.01 21.47
CA LEU B 50 -10.59 10.10 20.74
C LEU B 50 -11.37 10.47 19.50
N GLU B 51 -11.97 9.49 18.83
CA GLU B 51 -12.77 9.79 17.65
C GLU B 51 -13.98 10.61 18.08
N VAL B 52 -14.56 10.26 19.21
CA VAL B 52 -15.71 10.98 19.75
C VAL B 52 -15.38 12.46 19.90
N MET B 53 -14.28 12.74 20.60
CA MET B 53 -13.86 14.13 20.80
C MET B 53 -13.61 14.86 19.49
N MET B 54 -12.97 14.17 18.55
CA MET B 54 -12.68 14.76 17.25
C MET B 54 -13.96 15.14 16.50
N SER B 55 -14.99 14.32 16.65
CA SER B 55 -16.26 14.59 15.98
C SER B 55 -17.00 15.76 16.62
N ASN B 56 -16.47 16.25 17.74
CA ASN B 56 -17.08 17.37 18.46
C ASN B 56 -16.24 18.62 18.32
N VAL B 57 -15.09 18.50 17.68
CA VAL B 57 -14.19 19.64 17.47
C VAL B 57 -14.51 20.34 16.16
N LEU B 65 -3.50 21.52 19.84
CA LEU B 65 -4.36 20.91 18.83
C LEU B 65 -3.63 19.72 18.20
N ALA B 66 -2.50 20.01 17.58
CA ALA B 66 -1.67 19.01 16.93
C ALA B 66 -0.24 19.49 17.12
N THR B 67 -0.13 20.69 17.68
CA THR B 67 1.16 21.31 17.94
C THR B 67 1.88 20.56 19.04
N GLU B 68 1.11 20.14 20.04
CA GLU B 68 1.67 19.41 21.17
C GLU B 68 1.87 17.94 20.84
N THR B 69 1.19 17.47 19.80
CA THR B 69 1.28 16.08 19.39
C THR B 69 2.70 15.63 19.09
N VAL B 70 3.47 16.47 18.41
CA VAL B 70 4.84 16.12 18.04
C VAL B 70 5.74 15.76 19.21
N HIS B 71 5.35 16.13 20.43
CA HIS B 71 6.17 15.83 21.61
C HIS B 71 5.99 14.42 22.16
N TYR B 72 4.87 13.79 21.81
CA TYR B 72 4.58 12.45 22.32
C TYR B 72 5.18 11.30 21.51
N ASN B 73 5.47 10.22 22.22
CA ASN B 73 6.05 9.02 21.61
C ASN B 73 4.93 8.30 20.86
N PRO B 74 5.00 8.28 19.51
CA PRO B 74 3.99 7.65 18.65
C PRO B 74 3.91 6.12 18.66
N ALA B 75 4.96 5.46 19.17
CA ALA B 75 4.99 4.01 19.21
C ALA B 75 4.19 3.45 20.38
N GLU B 76 4.13 4.22 21.46
CA GLU B 76 3.42 3.85 22.68
C GLU B 76 1.96 4.29 22.54
N LEU B 77 1.15 3.49 21.86
CA LEU B 77 -0.24 3.85 21.63
C LEU B 77 -1.06 4.19 22.86
N TYR B 78 -0.92 3.41 23.93
CA TYR B 78 -1.67 3.67 25.16
C TYR B 78 -1.44 5.09 25.66
N THR B 79 -0.17 5.42 25.92
CA THR B 79 0.16 6.75 26.42
C THR B 79 -0.09 7.85 25.39
N TRP B 80 0.13 7.54 24.11
CA TRP B 80 -0.09 8.52 23.06
C TRP B 80 -1.55 8.96 23.05
N LEU B 81 -2.44 7.98 23.02
CA LEU B 81 -3.88 8.26 23.01
C LEU B 81 -4.30 8.97 24.29
N ASP B 82 -3.78 8.52 25.42
CA ASP B 82 -4.11 9.13 26.70
C ASP B 82 -3.72 10.61 26.69
N SER B 83 -2.56 10.90 26.13
CA SER B 83 -2.07 12.27 26.07
C SER B 83 -2.92 13.12 25.13
N MET B 84 -3.34 12.53 24.01
CA MET B 84 -4.17 13.25 23.05
C MET B 84 -5.55 13.53 23.64
N LEU B 85 -6.11 12.55 24.33
CA LEU B 85 -7.43 12.71 24.95
C LEU B 85 -7.43 13.90 25.90
N THR B 86 -6.31 14.09 26.61
CA THR B 86 -6.18 15.19 27.55
C THR B 86 -6.11 16.53 26.80
N ASP B 87 -5.29 16.58 25.75
CA ASP B 87 -5.14 17.80 24.97
C ASP B 87 -6.48 18.29 24.45
N LEU B 88 -7.39 17.37 24.18
CA LEU B 88 -8.72 17.74 23.73
C LEU B 88 -9.53 17.91 25.00
N ASN B 89 -10.81 17.56 24.98
CA ASN B 89 -11.64 17.68 26.17
C ASN B 89 -11.65 19.14 26.65
C1 GA4 C . -3.54 3.04 6.80
C2 GA4 C . -2.64 1.90 6.48
C3 GA4 C . -2.59 1.44 5.12
O31 GA4 C . -1.59 2.19 4.37
C4 GA4 C . -4.00 1.47 4.32
C5 GA4 C . -4.58 2.87 4.45
C6 GA4 C . -5.91 3.40 3.74
C7 GA4 C . -5.61 3.92 2.34
O71 GA4 C . -4.70 4.63 2.03
O72 GA4 C . -6.52 3.46 1.51
C8 GA4 C . -6.60 4.34 4.81
C9 GA4 C . -5.75 4.07 6.14
C10 GA4 C . -4.72 3.07 5.98
C11 GA4 C . -6.85 3.82 7.25
C12 GA4 C . -7.92 4.93 7.31
C13 GA4 C . -8.32 5.39 5.85
C14 GA4 C . -8.05 4.29 4.88
C15 GA4 C . -6.43 5.91 4.53
C16 GA4 C . -7.57 6.39 5.25
C17 GA4 C . -7.78 7.59 5.35
C18 GA4 C . -3.78 1.00 2.93
C19 GA4 C . -5.00 0.70 5.16
O91 GA4 C . -5.34 -0.37 5.07
O92 GA4 C . -5.47 1.66 6.17
#